data_2LWH
#
_entry.id   2LWH
#
loop_
_entity.id
_entity.type
_entity.pdbx_description
1 polymer "DNA (5'-D(*GP*GP*AP*TP*AP*TP*AP*TP*CP*C)-3')"
2 non-polymer NETROPSIN
#
_entity_poly.entity_id   1
_entity_poly.type   'polydeoxyribonucleotide'
_entity_poly.pdbx_seq_one_letter_code
;(DG)(DG)(DA)(DT)(DA)(DT)(DA)(DT)(DC)(DC)
;
_entity_poly.pdbx_strand_id   1,2
#